data_8K6L
#
_entry.id   8K6L
#
_cell.length_a   1.00
_cell.length_b   1.00
_cell.length_c   1.00
_cell.angle_alpha   90.00
_cell.angle_beta   90.00
_cell.angle_gamma   90.00
#
_symmetry.space_group_name_H-M   'P 1'
#
loop_
_entity.id
_entity.type
_entity.pdbx_description
1 polymer 'Solute carrier organic anion transporter family member 1B1'
2 branched 2-acetamido-2-deoxy-beta-D-glucopyranose-(1-4)-2-acetamido-2-deoxy-beta-D-glucopyranose
3 non-polymer "2',7'-bis(chloranyl)-3',6'-bis(oxidanyl)spiro[2-benzofuran-3,9'-xanthene]-1-one"
4 non-polymer 2-acetamido-2-deoxy-beta-D-glucopyranose
#
_entity_poly.entity_id   1
_entity_poly.type   'polypeptide(L)'
_entity_poly.pdbx_seq_one_letter_code
;MDQNQHLNKTAEAQPSENKKTRYCNGLKMFLAALSLSFIAKTLGAIIMKSSIIHIERRFEISSSLVGFIDGSFEIGNLLV
IVFVSYFGSKLHRPKLIGIGCFIMGIGGVLTALPHFFMGYYRYSKETNINSSENSTSTLSTCLINQILSLNRASPEIVGK
GCLKESGSYMWIYVFMGNMLRGIGETPIVPLGLSYIDDFAKEGHSSLYLGILNAIAMIGPIIGFTLGSLFSKMYVDIGYV
DLSTIRITPTDSRWVGAWWLNFLVSGLFSIISSIPFFFLPQTPNKPQKERKASLSLHVLETNDEKDQTANLTNQGKNITK
NVTGFFQSFKSILTNPLYVMFVLLTLLQVSSYIGAFTYVFKYVEQQYGQPSSKANILLGVITIPIFASGMFLGGYIIKKF
KLNTVGIAKFSCFTAVMSLSFYLLYFFILCENKSVAGLTMTYDGNNPVTSHRDVPLSYCNSDCNCDESQWEPVCGNNGIT
YISPCLAGCKSSSGNKKPIVFYNCSCLEVTGLQNRNYSAHLGECPRDDACTRKFYFFVAIQVLNLFFSALGGTSHVMLIV
KIVQPELKSLALGFHSMVIRALGGILAPIYFGALIDTTCIKWSTNNCGTRGSCRTYNSTSFSRVYLGLSSMLRVSSLVLY
IILIYAMKKKYQEKDINASENGSVMDEANLESLNKNKHFVPSAGADSETHCLEGSDEVDAGSHHHHHHHHHHGSVEDYKD
DDDK
;
_entity_poly.pdbx_strand_id   A
#
# COMPACT_ATOMS: atom_id res chain seq x y z
N ASN A 25 30.61 18.59 15.36
CA ASN A 25 29.59 19.56 15.00
C ASN A 25 29.61 19.85 13.52
N GLY A 26 30.41 19.10 12.76
CA GLY A 26 30.42 19.27 11.32
C GLY A 26 29.54 18.21 10.70
N LEU A 27 29.42 17.07 11.37
CA LEU A 27 28.58 16.00 10.88
C LEU A 27 27.18 16.20 11.42
N LYS A 28 27.08 16.85 12.57
CA LYS A 28 25.78 17.11 13.16
C LYS A 28 24.98 18.05 12.28
N MET A 29 25.64 19.06 11.73
CA MET A 29 24.96 19.97 10.81
C MET A 29 24.53 19.26 9.53
N PHE A 30 25.38 18.42 8.97
CA PHE A 30 25.00 17.65 7.80
C PHE A 30 23.88 16.68 8.15
N LEU A 31 23.87 16.20 9.38
CA LEU A 31 22.81 15.30 9.81
C LEU A 31 21.43 15.91 9.80
N ALA A 32 21.30 17.19 10.14
CA ALA A 32 20.02 17.90 10.16
C ALA A 32 19.31 18.03 8.80
N ALA A 33 20.06 18.50 7.79
CA ALA A 33 19.68 18.72 6.40
C ALA A 33 19.16 17.45 5.76
N LEU A 34 19.82 16.31 6.01
CA LEU A 34 19.38 15.06 5.42
C LEU A 34 18.03 14.63 5.99
N SER A 35 17.76 14.93 7.27
CA SER A 35 16.44 14.66 7.83
C SER A 35 15.35 15.44 7.10
N LEU A 36 15.61 16.73 6.86
CA LEU A 36 14.66 17.55 6.12
C LEU A 36 14.39 16.95 4.74
N SER A 37 15.44 16.51 4.05
CA SER A 37 15.25 15.96 2.71
C SER A 37 14.46 14.64 2.75
N PHE A 38 14.69 13.82 3.78
CA PHE A 38 13.91 12.59 3.94
C PHE A 38 12.42 12.90 4.08
N ILE A 39 12.11 13.87 4.93
CA ILE A 39 10.72 14.29 5.12
C ILE A 39 10.11 14.72 3.78
N ALA A 40 10.83 15.56 3.04
CA ALA A 40 10.31 16.04 1.75
C ALA A 40 10.02 14.89 0.80
N LYS A 41 10.93 13.92 0.73
CA LYS A 41 10.78 12.77 -0.14
C LYS A 41 9.48 12.04 0.16
N THR A 42 9.29 11.65 1.42
CA THR A 42 8.10 10.87 1.77
C THR A 42 6.81 11.66 1.52
N LEU A 43 6.83 12.96 1.85
CA LEU A 43 5.69 13.82 1.58
C LEU A 43 5.30 13.77 0.10
N GLY A 44 6.29 13.96 -0.78
CA GLY A 44 5.99 13.96 -2.21
C GLY A 44 5.36 12.66 -2.67
N ALA A 45 5.94 11.53 -2.23
CA ALA A 45 5.39 10.23 -2.62
C ALA A 45 3.91 10.12 -2.28
N ILE A 46 3.57 10.34 -1.00
CA ILE A 46 2.19 10.08 -0.60
C ILE A 46 1.25 11.11 -1.22
N ILE A 47 1.76 12.30 -1.54
CA ILE A 47 0.94 13.34 -2.22
C ILE A 47 0.49 12.86 -3.61
N MET A 48 1.44 12.36 -4.40
CA MET A 48 1.12 11.91 -5.74
C MET A 48 -0.02 10.90 -5.75
N LYS A 49 0.03 9.90 -4.86
CA LYS A 49 -0.99 8.86 -4.87
C LYS A 49 -2.30 9.43 -4.41
N SER A 50 -2.25 10.29 -3.42
CA SER A 50 -3.46 10.94 -2.96
C SER A 50 -4.17 11.72 -4.04
N SER A 51 -3.44 12.38 -4.96
CA SER A 51 -4.23 13.18 -5.92
C SER A 51 -4.61 12.55 -7.27
N ILE A 52 -4.37 11.26 -7.45
CA ILE A 52 -4.64 10.61 -8.75
C ILE A 52 -6.09 10.55 -9.23
N ILE A 53 -7.04 10.28 -8.34
CA ILE A 53 -8.45 10.16 -8.74
C ILE A 53 -9.02 11.47 -9.30
N HIS A 54 -8.71 12.59 -8.66
CA HIS A 54 -9.17 13.88 -9.14
C HIS A 54 -8.58 14.24 -10.50
N ILE A 55 -7.31 13.93 -10.70
CA ILE A 55 -6.64 14.22 -11.97
C ILE A 55 -7.33 13.44 -13.08
N GLU A 56 -7.64 12.18 -12.82
CA GLU A 56 -8.32 11.37 -13.80
C GLU A 56 -9.67 11.99 -14.10
N ARG A 57 -10.33 12.49 -13.06
CA ARG A 57 -11.67 13.03 -13.28
C ARG A 57 -11.61 14.42 -13.88
N ARG A 58 -10.60 15.21 -13.52
CA ARG A 58 -10.53 16.54 -14.12
C ARG A 58 -10.09 16.51 -15.57
N PHE A 59 -9.15 15.62 -15.92
CA PHE A 59 -8.53 15.69 -17.23
C PHE A 59 -9.31 14.96 -18.33
N GLU A 60 -10.34 14.18 -17.98
CA GLU A 60 -11.11 13.41 -18.97
C GLU A 60 -10.33 12.36 -19.75
N ILE A 61 -9.61 11.52 -19.02
CA ILE A 61 -8.50 10.71 -19.52
C ILE A 61 -8.83 9.24 -19.31
N SER A 62 -8.24 8.38 -20.15
CA SER A 62 -8.50 6.95 -20.08
C SER A 62 -7.85 6.34 -18.84
N SER A 63 -8.10 5.06 -18.62
CA SER A 63 -7.50 4.36 -17.49
C SER A 63 -6.09 3.88 -17.81
N SER A 64 -5.86 3.50 -19.07
CA SER A 64 -4.52 3.12 -19.49
C SER A 64 -3.55 4.29 -19.35
N LEU A 65 -3.99 5.49 -19.74
CA LEU A 65 -3.13 6.66 -19.60
C LEU A 65 -2.86 6.96 -18.13
N VAL A 66 -3.79 6.61 -17.24
CA VAL A 66 -3.57 6.83 -15.81
C VAL A 66 -2.52 5.85 -15.29
N GLY A 67 -2.64 4.59 -15.67
CA GLY A 67 -1.61 3.61 -15.31
C GLY A 67 -0.25 4.01 -15.85
N PHE A 68 -0.25 4.68 -16.99
CA PHE A 68 1.00 5.12 -17.58
C PHE A 68 1.60 6.27 -16.78
N ILE A 69 0.83 7.34 -16.60
CA ILE A 69 1.33 8.51 -15.89
C ILE A 69 1.83 8.14 -14.50
N ASP A 70 1.10 7.26 -13.84
CA ASP A 70 1.48 6.86 -12.48
C ASP A 70 2.81 6.10 -12.47
N GLY A 71 3.21 5.55 -13.61
CA GLY A 71 4.43 4.77 -13.67
C GLY A 71 5.67 5.54 -14.09
N SER A 72 5.52 6.83 -14.37
CA SER A 72 6.65 7.63 -14.83
C SER A 72 7.74 7.75 -13.77
N PHE A 73 7.36 8.03 -12.53
CA PHE A 73 8.33 8.15 -11.45
C PHE A 73 9.33 7.00 -11.49
N GLU A 74 8.92 5.86 -12.04
CA GLU A 74 9.79 4.68 -12.05
C GLU A 74 10.75 4.70 -13.24
N ILE A 75 10.32 5.30 -14.35
CA ILE A 75 11.18 5.34 -15.54
C ILE A 75 12.36 6.27 -15.31
N GLY A 76 12.16 7.33 -14.53
CA GLY A 76 13.24 8.25 -14.24
C GLY A 76 14.13 7.76 -13.13
N ASN A 77 13.56 7.06 -12.15
CA ASN A 77 14.34 6.61 -11.00
C ASN A 77 15.24 5.44 -11.37
N LEU A 78 14.70 4.45 -12.08
CA LEU A 78 15.47 3.24 -12.39
C LEU A 78 16.50 3.45 -13.48
N LEU A 79 16.43 4.56 -14.21
CA LEU A 79 17.31 4.79 -15.34
C LEU A 79 18.64 5.42 -14.95
N VAL A 80 18.70 6.20 -13.88
CA VAL A 80 19.89 6.96 -13.51
C VAL A 80 20.34 6.69 -12.08
N ILE A 81 19.87 5.63 -11.44
CA ILE A 81 20.23 5.40 -10.04
C ILE A 81 21.65 4.85 -9.92
N VAL A 82 22.14 4.19 -10.96
CA VAL A 82 23.45 3.54 -10.89
C VAL A 82 24.55 4.52 -11.30
N PHE A 83 24.27 5.34 -12.30
CA PHE A 83 25.27 6.28 -12.79
C PHE A 83 25.52 7.40 -11.78
N VAL A 84 24.45 7.90 -11.17
CA VAL A 84 24.60 8.89 -10.10
C VAL A 84 25.36 8.29 -8.93
N SER A 85 25.12 7.01 -8.67
CA SER A 85 25.81 6.35 -7.57
C SER A 85 27.30 6.27 -7.82
N TYR A 86 27.70 5.77 -8.98
CA TYR A 86 29.12 5.59 -9.25
C TYR A 86 29.83 6.92 -9.50
N PHE A 87 29.34 7.70 -10.48
CA PHE A 87 30.06 8.90 -10.90
C PHE A 87 29.96 10.02 -9.88
N GLY A 88 28.88 10.03 -9.10
CA GLY A 88 28.71 11.11 -8.14
C GLY A 88 29.46 10.87 -6.84
N SER A 89 30.13 9.72 -6.74
CA SER A 89 30.76 9.34 -5.48
C SER A 89 32.10 10.02 -5.29
N LYS A 90 32.58 10.74 -6.31
CA LYS A 90 33.89 11.38 -6.18
C LYS A 90 33.82 12.88 -6.44
N LEU A 91 32.62 13.41 -6.66
CA LEU A 91 32.42 14.86 -6.72
C LEU A 91 32.03 15.38 -5.34
N HIS A 92 31.60 16.63 -5.28
CA HIS A 92 31.09 17.23 -4.05
C HIS A 92 29.72 16.63 -3.74
N ARG A 93 29.63 15.84 -2.67
CA ARG A 93 28.40 15.12 -2.39
C ARG A 93 27.32 15.99 -1.75
N PRO A 94 27.61 16.79 -0.71
CA PRO A 94 26.56 17.66 -0.16
C PRO A 94 25.94 18.59 -1.17
N LYS A 95 26.71 19.04 -2.16
CA LYS A 95 26.14 19.88 -3.21
C LYS A 95 25.31 19.08 -4.19
N LEU A 96 25.69 17.84 -4.50
CA LEU A 96 24.87 17.00 -5.36
C LEU A 96 23.51 16.72 -4.73
N ILE A 97 23.48 16.51 -3.41
CA ILE A 97 22.20 16.25 -2.77
C ILE A 97 21.30 17.49 -2.84
N GLY A 98 21.88 18.68 -2.68
CA GLY A 98 21.09 19.90 -2.79
C GLY A 98 20.58 20.14 -4.19
N ILE A 99 21.42 19.85 -5.20
CA ILE A 99 20.97 19.96 -6.58
C ILE A 99 19.82 18.98 -6.84
N GLY A 100 19.91 17.76 -6.32
CA GLY A 100 18.84 16.80 -6.50
C GLY A 100 17.54 17.25 -5.86
N CYS A 101 17.62 17.81 -4.65
CA CYS A 101 16.40 18.29 -3.99
C CYS A 101 15.81 19.47 -4.73
N PHE A 102 16.65 20.34 -5.29
CA PHE A 102 16.15 21.47 -6.07
C PHE A 102 15.45 20.99 -7.34
N ILE A 103 16.03 20.01 -8.03
CA ILE A 103 15.39 19.44 -9.21
C ILE A 103 14.06 18.80 -8.85
N MET A 104 14.02 18.10 -7.72
CA MET A 104 12.76 17.49 -7.26
C MET A 104 11.69 18.56 -7.03
N GLY A 105 12.07 19.67 -6.40
CA GLY A 105 11.10 20.74 -6.19
C GLY A 105 10.62 21.38 -7.47
N ILE A 106 11.56 21.67 -8.38
CA ILE A 106 11.19 22.26 -9.66
C ILE A 106 10.22 21.35 -10.41
N GLY A 107 10.46 20.04 -10.35
CA GLY A 107 9.54 19.11 -10.99
C GLY A 107 8.20 19.06 -10.30
N GLY A 108 8.19 19.27 -8.98
CA GLY A 108 6.94 19.31 -8.25
C GLY A 108 6.10 20.52 -8.60
N VAL A 109 6.75 21.63 -8.93
CA VAL A 109 6.01 22.85 -9.25
C VAL A 109 5.41 22.76 -10.65
N LEU A 110 6.03 22.00 -11.54
CA LEU A 110 5.60 21.96 -12.93
C LEU A 110 4.29 21.22 -13.10
N THR A 111 3.90 20.41 -12.10
CA THR A 111 2.72 19.56 -12.24
C THR A 111 1.43 20.36 -12.02
N ALA A 112 1.54 21.65 -11.69
CA ALA A 112 0.36 22.42 -11.35
C ALA A 112 0.07 23.57 -12.31
N LEU A 113 0.79 23.66 -13.43
CA LEU A 113 0.55 24.70 -14.43
C LEU A 113 -0.69 24.48 -15.29
N PRO A 114 -1.06 23.24 -15.69
CA PRO A 114 -2.31 23.04 -16.43
C PRO A 114 -3.50 23.78 -15.85
N HIS A 115 -3.67 23.74 -14.52
CA HIS A 115 -4.80 24.43 -13.91
C HIS A 115 -4.81 25.91 -14.26
N PHE A 116 -3.65 26.56 -14.21
CA PHE A 116 -3.60 27.97 -14.53
C PHE A 116 -3.74 28.24 -16.02
N PHE A 117 -3.45 27.25 -16.87
CA PHE A 117 -3.50 27.47 -18.32
C PHE A 117 -4.78 26.97 -18.97
N MET A 118 -5.51 26.06 -18.34
CA MET A 118 -6.78 25.59 -18.90
C MET A 118 -7.92 26.50 -18.43
N GLY A 119 -9.15 26.09 -18.73
CA GLY A 119 -10.30 26.90 -18.44
C GLY A 119 -11.11 26.43 -17.24
N TYR A 120 -12.27 27.05 -17.02
CA TYR A 120 -13.12 26.68 -15.90
C TYR A 120 -13.63 25.26 -16.05
N TYR A 121 -13.99 24.65 -14.92
CA TYR A 121 -14.56 23.31 -14.94
C TYR A 121 -16.00 23.39 -15.45
N ARG A 122 -16.18 23.18 -16.75
CA ARG A 122 -17.47 23.45 -17.39
C ARG A 122 -18.56 22.51 -16.89
N TYR A 123 -18.22 21.25 -16.62
CA TYR A 123 -19.25 20.26 -16.31
C TYR A 123 -20.02 20.62 -15.05
N SER A 124 -19.38 21.37 -14.14
CA SER A 124 -19.97 21.72 -12.84
C SER A 124 -20.53 20.49 -12.14
N SER A 137 -31.00 5.61 -5.88
CA SER A 137 -32.23 4.88 -6.21
C SER A 137 -31.90 3.42 -6.53
N THR A 138 -32.56 2.90 -7.58
CA THR A 138 -32.33 1.54 -8.06
C THR A 138 -32.64 0.51 -6.98
N LEU A 139 -33.76 0.70 -6.27
CA LEU A 139 -34.21 -0.30 -5.31
C LEU A 139 -34.62 -1.59 -6.01
N SER A 140 -35.48 -1.48 -7.02
CA SER A 140 -35.80 -2.60 -7.91
C SER A 140 -36.56 -3.83 -7.44
N THR A 141 -37.71 -3.70 -6.88
CA THR A 141 -38.41 -4.81 -6.24
C THR A 141 -38.68 -5.78 -7.39
N CYS A 142 -39.37 -6.87 -7.07
CA CYS A 142 -39.65 -7.92 -8.05
C CYS A 142 -40.19 -7.33 -9.34
N LEU A 143 -39.51 -7.63 -10.45
CA LEU A 143 -39.84 -7.05 -11.75
C LEU A 143 -40.24 -8.17 -12.69
N ILE A 144 -41.54 -8.26 -12.97
CA ILE A 144 -42.05 -9.30 -13.86
C ILE A 144 -42.04 -8.79 -15.30
N MET A 170 -2.66 18.17 -21.83
CA MET A 170 -1.98 18.66 -20.65
C MET A 170 -1.52 17.53 -19.73
N TRP A 171 -1.81 16.27 -20.08
CA TRP A 171 -1.33 15.17 -19.26
C TRP A 171 0.17 15.00 -19.40
N ILE A 172 0.75 15.54 -20.47
CA ILE A 172 2.19 15.47 -20.65
C ILE A 172 2.90 16.27 -19.57
N TYR A 173 2.22 17.30 -19.03
CA TYR A 173 2.82 18.07 -17.94
C TYR A 173 2.93 17.24 -16.67
N VAL A 174 1.87 16.54 -16.31
CA VAL A 174 1.92 15.65 -15.15
C VAL A 174 2.95 14.54 -15.36
N PHE A 175 2.99 13.98 -16.58
CA PHE A 175 3.95 12.95 -16.89
C PHE A 175 5.39 13.44 -16.70
N MET A 176 5.71 14.60 -17.29
CA MET A 176 7.08 15.09 -17.26
C MET A 176 7.44 15.75 -15.94
N GLY A 177 6.45 16.02 -15.09
CA GLY A 177 6.76 16.48 -13.75
C GLY A 177 7.05 15.31 -12.83
N ASN A 178 6.29 14.23 -12.96
CA ASN A 178 6.57 13.02 -12.20
C ASN A 178 7.94 12.45 -12.59
N MET A 179 8.26 12.47 -13.89
CA MET A 179 9.58 12.03 -14.31
C MET A 179 10.69 12.87 -13.69
N LEU A 180 10.52 14.18 -13.65
CA LEU A 180 11.53 15.05 -13.05
C LEU A 180 11.70 14.76 -11.57
N ARG A 181 10.59 14.62 -10.84
CA ARG A 181 10.67 14.23 -9.44
C ARG A 181 11.46 12.93 -9.25
N GLY A 182 11.15 11.91 -10.06
CA GLY A 182 11.82 10.63 -9.92
C GLY A 182 13.30 10.72 -10.23
N ILE A 183 13.66 11.51 -11.25
CA ILE A 183 15.07 11.70 -11.59
C ILE A 183 15.79 12.42 -10.45
N GLY A 184 15.11 13.38 -9.84
CA GLY A 184 15.75 14.19 -8.79
C GLY A 184 16.03 13.62 -7.42
N GLU A 185 15.30 12.59 -6.99
CA GLU A 185 15.47 12.06 -5.64
C GLU A 185 16.59 11.04 -5.52
N THR A 186 17.17 10.64 -6.65
CA THR A 186 18.22 9.61 -6.65
C THR A 186 19.51 9.83 -5.82
N PRO A 187 19.94 11.11 -5.55
CA PRO A 187 21.21 11.17 -4.82
C PRO A 187 21.10 11.12 -3.30
N ILE A 188 19.93 10.85 -2.72
CA ILE A 188 19.76 11.07 -1.29
C ILE A 188 20.27 9.89 -0.48
N VAL A 189 19.87 8.67 -0.83
CA VAL A 189 20.24 7.49 -0.05
C VAL A 189 21.66 7.01 -0.37
N PRO A 190 22.06 6.84 -1.64
CA PRO A 190 23.41 6.30 -1.88
C PRO A 190 24.54 7.23 -1.45
N LEU A 191 24.40 8.53 -1.64
CA LEU A 191 25.46 9.47 -1.31
C LEU A 191 25.35 10.01 0.11
N GLY A 192 24.17 9.96 0.71
CA GLY A 192 24.02 10.44 2.07
C GLY A 192 24.52 9.44 3.10
N LEU A 193 24.12 8.18 2.95
CA LEU A 193 24.46 7.18 3.95
C LEU A 193 25.94 6.81 3.89
N SER A 194 26.51 6.76 2.69
CA SER A 194 27.94 6.51 2.57
C SER A 194 28.77 7.66 3.11
N TYR A 195 28.27 8.89 3.00
CA TYR A 195 28.94 10.04 3.62
C TYR A 195 28.86 9.95 5.14
N ILE A 196 27.70 9.55 5.66
CA ILE A 196 27.55 9.39 7.10
C ILE A 196 28.48 8.30 7.62
N ASP A 197 28.67 7.24 6.84
CA ASP A 197 29.51 6.14 7.28
C ASP A 197 30.99 6.48 7.19
N ASP A 198 31.38 7.24 6.16
CA ASP A 198 32.80 7.53 5.95
C ASP A 198 33.37 8.41 7.05
N PHE A 199 32.59 9.35 7.57
CA PHE A 199 33.04 10.29 8.59
C PHE A 199 32.15 10.10 9.81
N ALA A 200 32.52 9.21 10.72
CA ALA A 200 31.75 9.00 11.93
C ALA A 200 32.59 8.24 12.92
N LYS A 201 32.17 8.20 14.16
CA LYS A 201 32.97 7.54 15.17
C LYS A 201 32.73 6.05 15.17
N GLU A 202 33.29 5.32 16.10
CA GLU A 202 33.33 3.87 16.04
C GLU A 202 32.02 3.18 15.72
N GLY A 203 30.97 3.52 16.44
CA GLY A 203 29.71 2.82 16.22
C GLY A 203 28.45 3.64 16.02
N HIS A 204 28.61 4.91 15.71
CA HIS A 204 27.49 5.83 15.72
C HIS A 204 26.69 5.84 14.43
N SER A 205 27.14 5.10 13.44
CA SER A 205 26.45 5.10 12.15
C SER A 205 25.09 4.45 12.27
N SER A 206 24.97 3.42 13.10
CA SER A 206 23.69 2.74 13.29
C SER A 206 22.70 3.63 13.99
N LEU A 207 23.13 4.26 15.08
CA LEU A 207 22.26 5.18 15.83
C LEU A 207 21.78 6.32 14.95
N TYR A 208 22.68 6.88 14.13
CA TYR A 208 22.29 7.97 13.25
C TYR A 208 21.25 7.52 12.23
N LEU A 209 21.43 6.33 11.63
CA LEU A 209 20.48 5.86 10.64
C LEU A 209 19.14 5.54 11.29
N GLY A 210 19.14 5.06 12.53
CA GLY A 210 17.89 4.82 13.22
C GLY A 210 17.14 6.11 13.51
N ILE A 211 17.85 7.14 13.99
CA ILE A 211 17.22 8.44 14.21
C ILE A 211 16.67 8.99 12.90
N LEU A 212 17.43 8.83 11.81
CA LEU A 212 16.99 9.32 10.51
C LEU A 212 15.69 8.64 10.09
N ASN A 213 15.65 7.31 10.16
CA ASN A 213 14.45 6.57 9.77
C ASN A 213 13.27 6.83 10.69
N ALA A 214 13.49 7.16 11.95
CA ALA A 214 12.40 7.55 12.84
C ALA A 214 11.84 8.93 12.54
N ILE A 215 12.71 9.93 12.31
CA ILE A 215 12.24 11.28 12.02
C ILE A 215 11.46 11.37 10.71
N ALA A 216 11.71 10.47 9.75
CA ALA A 216 11.11 10.59 8.43
C ALA A 216 9.60 10.36 8.43
N MET A 217 9.04 9.83 9.52
CA MET A 217 7.61 9.55 9.56
C MET A 217 6.75 10.79 9.70
N ILE A 218 7.34 11.99 9.69
CA ILE A 218 6.55 13.23 9.72
C ILE A 218 6.02 13.59 8.34
N GLY A 219 6.53 12.97 7.28
CA GLY A 219 6.05 13.22 5.95
C GLY A 219 4.65 12.71 5.73
N PRO A 220 4.44 11.40 5.95
CA PRO A 220 3.08 10.85 5.83
C PRO A 220 2.06 11.53 6.72
N ILE A 221 2.45 11.96 7.93
CA ILE A 221 1.50 12.63 8.81
C ILE A 221 0.97 13.90 8.17
N ILE A 222 1.87 14.80 7.79
CA ILE A 222 1.46 16.07 7.17
C ILE A 222 0.72 15.80 5.86
N GLY A 223 1.18 14.84 5.07
CA GLY A 223 0.52 14.55 3.82
C GLY A 223 -0.92 14.10 4.01
N PHE A 224 -1.15 13.11 4.89
CA PHE A 224 -2.50 12.65 5.14
C PHE A 224 -3.35 13.73 5.81
N THR A 225 -2.71 14.63 6.56
CA THR A 225 -3.45 15.72 7.19
C THR A 225 -4.01 16.67 6.14
N LEU A 226 -3.14 17.21 5.27
CA LEU A 226 -3.62 18.29 4.41
C LEU A 226 -4.14 17.81 3.06
N GLY A 227 -3.83 16.59 2.64
CA GLY A 227 -4.41 16.09 1.39
C GLY A 227 -5.89 15.80 1.53
N SER A 228 -6.35 15.60 2.77
CA SER A 228 -7.78 15.38 3.01
C SER A 228 -8.50 16.71 3.20
N LEU A 229 -7.79 17.74 3.66
CA LEU A 229 -8.39 19.06 3.79
C LEU A 229 -8.48 19.75 2.44
N PHE A 230 -7.50 19.52 1.56
CA PHE A 230 -7.53 20.14 0.24
C PHE A 230 -8.51 19.46 -0.70
N SER A 231 -8.89 18.21 -0.41
CA SER A 231 -9.83 17.49 -1.25
C SER A 231 -11.29 17.81 -0.92
N LYS A 232 -11.54 18.81 -0.08
CA LYS A 232 -12.90 19.23 0.25
C LYS A 232 -13.10 20.69 -0.09
N MET A 233 -12.29 21.20 -1.00
CA MET A 233 -12.51 22.52 -1.58
C MET A 233 -12.98 22.34 -3.03
N TYR A 234 -13.75 23.30 -3.53
CA TYR A 234 -14.04 23.29 -4.95
C TYR A 234 -12.78 23.62 -5.73
N VAL A 235 -12.66 23.04 -6.93
CA VAL A 235 -11.40 23.11 -7.66
C VAL A 235 -11.07 24.55 -8.06
N ASP A 236 -12.08 25.30 -8.49
CA ASP A 236 -11.89 26.69 -8.92
C ASP A 236 -12.16 27.63 -7.76
N ILE A 237 -11.50 27.39 -6.63
CA ILE A 237 -11.68 28.21 -5.43
C ILE A 237 -10.87 29.48 -5.58
N GLY A 238 -11.49 30.62 -5.31
CA GLY A 238 -10.88 31.91 -5.46
C GLY A 238 -11.28 32.66 -6.71
N TYR A 239 -11.45 31.95 -7.83
CA TYR A 239 -11.83 32.61 -9.08
C TYR A 239 -13.35 32.69 -9.24
N VAL A 240 -14.07 31.68 -8.79
CA VAL A 240 -15.53 31.70 -8.78
C VAL A 240 -16.00 31.95 -7.35
N ASP A 241 -17.19 32.54 -7.21
CA ASP A 241 -17.81 32.67 -5.90
C ASP A 241 -18.57 31.39 -5.58
N LEU A 242 -18.28 30.80 -4.43
CA LEU A 242 -18.75 29.47 -4.05
C LEU A 242 -20.24 29.39 -3.73
N SER A 243 -21.04 30.44 -3.93
CA SER A 243 -22.45 30.40 -3.58
C SER A 243 -23.32 29.85 -4.70
N THR A 244 -22.82 29.78 -5.93
CA THR A 244 -23.59 29.25 -7.05
C THR A 244 -23.24 27.81 -7.39
N ILE A 245 -22.44 27.15 -6.56
CA ILE A 245 -21.99 25.80 -6.87
C ILE A 245 -23.04 24.80 -6.41
N ARG A 246 -23.43 23.89 -7.30
CA ARG A 246 -24.43 22.87 -6.95
C ARG A 246 -23.81 21.55 -6.52
N ILE A 247 -22.56 21.32 -6.92
CA ILE A 247 -21.90 20.07 -6.55
C ILE A 247 -21.36 20.00 -5.14
N THR A 248 -21.47 18.82 -4.53
CA THR A 248 -21.01 18.59 -3.17
C THR A 248 -20.03 17.42 -3.16
N PRO A 249 -19.14 17.35 -2.18
CA PRO A 249 -18.11 16.31 -2.19
C PRO A 249 -18.63 14.89 -2.33
N THR A 250 -19.94 14.66 -2.19
CA THR A 250 -20.49 13.33 -2.28
C THR A 250 -21.01 12.98 -3.68
N ASP A 251 -20.91 13.91 -4.63
CA ASP A 251 -21.42 13.66 -5.97
C ASP A 251 -20.47 12.76 -6.75
N SER A 252 -20.80 12.57 -8.03
CA SER A 252 -19.98 11.77 -8.93
C SER A 252 -19.03 12.61 -9.77
N ARG A 253 -19.32 13.90 -9.95
CA ARG A 253 -18.48 14.79 -10.74
C ARG A 253 -17.70 15.77 -9.90
N TRP A 254 -17.54 15.50 -8.61
CA TRP A 254 -16.79 16.39 -7.73
C TRP A 254 -15.30 16.21 -7.96
N VAL A 255 -14.62 17.28 -8.35
CA VAL A 255 -13.17 17.34 -8.41
C VAL A 255 -12.71 18.39 -7.41
N GLY A 256 -11.71 18.05 -6.60
CA GLY A 256 -11.23 18.96 -5.58
C GLY A 256 -10.03 19.76 -6.03
N ALA A 257 -9.49 20.59 -5.14
CA ALA A 257 -8.31 21.36 -5.48
C ALA A 257 -7.07 20.47 -5.43
N TRP A 258 -6.80 19.77 -6.51
CA TRP A 258 -5.65 18.88 -6.60
C TRP A 258 -4.35 19.62 -6.87
N TRP A 259 -4.42 20.79 -7.53
CA TRP A 259 -3.21 21.54 -7.83
C TRP A 259 -2.57 22.13 -6.59
N LEU A 260 -3.33 22.21 -5.49
CA LEU A 260 -2.80 22.83 -4.28
C LEU A 260 -1.96 21.85 -3.47
N ASN A 261 -2.03 20.57 -3.79
CA ASN A 261 -1.19 19.58 -3.12
C ASN A 261 0.25 19.65 -3.62
N PHE A 262 0.43 20.12 -4.86
CA PHE A 262 1.75 20.07 -5.47
C PHE A 262 2.54 21.35 -5.22
N LEU A 263 1.83 22.47 -5.01
CA LEU A 263 2.52 23.72 -4.70
C LEU A 263 3.25 23.63 -3.37
N VAL A 264 2.58 23.12 -2.33
CA VAL A 264 3.18 23.05 -1.01
C VAL A 264 4.36 22.09 -1.01
N SER A 265 4.20 20.93 -1.65
CA SER A 265 5.30 19.97 -1.73
C SER A 265 6.48 20.52 -2.52
N GLY A 266 6.20 21.20 -3.64
CA GLY A 266 7.29 21.77 -4.42
C GLY A 266 8.06 22.84 -3.67
N LEU A 267 7.35 23.74 -2.99
CA LEU A 267 8.05 24.77 -2.22
C LEU A 267 8.77 24.19 -1.01
N PHE A 268 8.23 23.15 -0.39
CA PHE A 268 8.94 22.49 0.70
C PHE A 268 10.22 21.84 0.22
N SER A 269 10.19 21.21 -0.96
CA SER A 269 11.39 20.59 -1.49
C SER A 269 12.41 21.63 -1.94
N ILE A 270 11.94 22.78 -2.41
CA ILE A 270 12.89 23.85 -2.78
C ILE A 270 13.51 24.45 -1.52
N ILE A 271 12.73 24.58 -0.45
CA ILE A 271 13.26 25.15 0.79
C ILE A 271 14.29 24.22 1.41
N SER A 272 13.98 22.91 1.47
CA SER A 272 14.84 21.97 2.19
C SER A 272 16.19 21.76 1.52
N SER A 273 16.49 22.45 0.43
CA SER A 273 17.74 22.25 -0.29
C SER A 273 18.71 23.41 -0.16
N ILE A 274 18.38 24.43 0.62
CA ILE A 274 19.25 25.60 0.75
C ILE A 274 20.45 25.35 1.67
N PRO A 275 20.32 24.63 2.80
CA PRO A 275 21.50 24.44 3.65
C PRO A 275 22.63 23.67 3.00
N PHE A 276 22.33 22.78 2.06
CA PHE A 276 23.36 21.92 1.48
C PHE A 276 24.41 22.72 0.73
N PHE A 277 24.10 23.96 0.35
CA PHE A 277 25.03 24.73 -0.47
C PHE A 277 26.03 25.51 0.39
N PHE A 278 26.02 25.27 1.70
CA PHE A 278 26.91 26.02 2.58
C PHE A 278 27.85 25.10 3.35
N LEU A 279 27.59 23.79 3.34
CA LEU A 279 28.44 22.84 4.04
C LEU A 279 29.75 22.62 3.31
N THR A 323 35.86 3.79 -17.99
CA THR A 323 36.66 2.56 -18.06
C THR A 323 36.73 1.89 -16.68
N GLY A 324 36.73 2.70 -15.62
CA GLY A 324 36.69 2.15 -14.28
C GLY A 324 35.32 1.69 -13.85
N PHE A 325 34.27 2.20 -14.50
CA PHE A 325 32.91 1.81 -14.17
C PHE A 325 32.72 0.31 -14.34
N PHE A 326 33.25 -0.26 -15.42
CA PHE A 326 32.95 -1.65 -15.75
C PHE A 326 33.68 -2.61 -14.83
N GLN A 327 34.95 -2.32 -14.52
CA GLN A 327 35.67 -3.20 -13.60
C GLN A 327 35.18 -3.03 -12.17
N SER A 328 34.77 -1.81 -11.80
CA SER A 328 34.21 -1.59 -10.48
C SER A 328 32.87 -2.29 -10.34
N PHE A 329 32.13 -2.40 -11.44
CA PHE A 329 30.84 -3.08 -11.41
C PHE A 329 30.98 -4.60 -11.50
N LYS A 330 32.02 -5.10 -12.17
CA LYS A 330 32.31 -6.53 -12.21
C LYS A 330 32.92 -7.05 -10.93
N SER A 331 33.73 -6.25 -10.25
CA SER A 331 34.31 -6.62 -8.97
C SER A 331 33.29 -6.73 -7.85
N ILE A 332 32.04 -6.33 -8.09
CA ILE A 332 30.99 -6.38 -7.10
C ILE A 332 30.05 -7.55 -7.31
N LEU A 333 29.85 -7.99 -8.56
CA LEU A 333 28.99 -9.12 -8.85
C LEU A 333 29.70 -10.47 -8.80
N THR A 334 31.00 -10.50 -8.50
CA THR A 334 31.70 -11.74 -8.24
C THR A 334 31.96 -11.95 -6.75
N ASN A 335 31.33 -11.17 -5.90
CA ASN A 335 31.45 -11.32 -4.45
C ASN A 335 30.26 -12.11 -3.95
N PRO A 336 30.45 -13.33 -3.43
CA PRO A 336 29.30 -14.21 -3.13
C PRO A 336 28.40 -13.68 -2.02
N LEU A 337 28.99 -13.20 -0.94
CA LEU A 337 28.21 -12.73 0.20
C LEU A 337 27.24 -11.63 -0.21
N TYR A 338 27.69 -10.74 -1.11
CA TYR A 338 26.84 -9.64 -1.55
C TYR A 338 25.64 -10.13 -2.35
N VAL A 339 25.86 -11.07 -3.27
CA VAL A 339 24.77 -11.61 -4.07
C VAL A 339 23.75 -12.33 -3.19
N MET A 340 24.26 -13.13 -2.25
CA MET A 340 23.34 -13.85 -1.36
C MET A 340 22.51 -12.90 -0.51
N PHE A 341 23.15 -11.87 0.05
CA PHE A 341 22.42 -10.91 0.87
C PHE A 341 21.36 -10.18 0.05
N VAL A 342 21.71 -9.76 -1.17
CA VAL A 342 20.75 -9.05 -2.01
C VAL A 342 19.55 -9.93 -2.32
N LEU A 343 19.82 -11.19 -2.66
CA LEU A 343 18.73 -12.11 -2.98
C LEU A 343 17.71 -12.21 -1.86
N LEU A 344 18.16 -12.60 -0.67
CA LEU A 344 17.22 -12.77 0.44
C LEU A 344 16.53 -11.46 0.80
N THR A 345 17.29 -10.37 0.82
CA THR A 345 16.69 -9.06 1.09
C THR A 345 15.52 -8.90 0.17
N LEU A 346 15.71 -9.29 -1.09
CA LEU A 346 14.66 -9.17 -2.09
C LEU A 346 13.45 -10.03 -1.73
N LEU A 347 13.70 -11.29 -1.36
CA LEU A 347 12.60 -12.18 -1.00
C LEU A 347 11.79 -11.62 0.17
N GLN A 348 12.48 -11.19 1.22
CA GLN A 348 11.78 -10.69 2.40
C GLN A 348 10.97 -9.43 2.09
N VAL A 349 11.56 -8.49 1.35
CA VAL A 349 10.85 -7.26 1.04
C VAL A 349 9.64 -7.53 0.15
N SER A 350 9.75 -8.50 -0.79
CA SER A 350 8.60 -8.85 -1.60
C SER A 350 7.45 -9.36 -0.74
N SER A 351 7.76 -10.25 0.20
CA SER A 351 6.72 -10.74 1.12
C SER A 351 6.05 -9.59 1.86
N TYR A 352 6.82 -8.68 2.45
CA TYR A 352 6.26 -7.53 3.17
C TYR A 352 5.37 -6.69 2.29
N ILE A 353 5.83 -6.40 1.07
CA ILE A 353 5.06 -5.54 0.18
C ILE A 353 3.70 -6.17 -0.11
N GLY A 354 3.68 -7.45 -0.48
CA GLY A 354 2.41 -8.10 -0.78
C GLY A 354 1.46 -8.10 0.41
N ALA A 355 1.99 -8.44 1.59
CA ALA A 355 1.16 -8.48 2.79
C ALA A 355 0.52 -7.13 3.07
N PHE A 356 1.33 -6.06 3.05
CA PHE A 356 0.77 -4.74 3.36
C PHE A 356 -0.14 -4.26 2.24
N THR A 357 0.04 -4.77 1.03
CA THR A 357 -0.84 -4.38 -0.06
C THR A 357 -2.24 -4.96 0.08
N TYR A 358 -2.38 -6.20 0.55
CA TYR A 358 -3.69 -6.84 0.56
C TYR A 358 -4.27 -7.11 1.95
N VAL A 359 -3.66 -6.59 3.02
CA VAL A 359 -4.20 -6.83 4.36
C VAL A 359 -5.59 -6.22 4.52
N PHE A 360 -5.83 -5.05 3.92
CA PHE A 360 -7.12 -4.38 4.12
C PHE A 360 -8.28 -5.10 3.46
N LYS A 361 -8.07 -5.70 2.30
CA LYS A 361 -9.08 -6.52 1.66
C LYS A 361 -9.27 -7.86 2.36
N TYR A 362 -8.16 -8.44 2.85
CA TYR A 362 -8.28 -9.69 3.60
C TYR A 362 -9.13 -9.51 4.85
N VAL A 363 -8.89 -8.43 5.60
CA VAL A 363 -9.63 -8.22 6.84
C VAL A 363 -11.11 -8.03 6.57
N GLU A 364 -11.45 -7.37 5.48
CA GLU A 364 -12.85 -7.13 5.16
C GLU A 364 -13.54 -8.43 4.73
N GLN A 365 -12.88 -9.22 3.89
CA GLN A 365 -13.53 -10.44 3.41
C GLN A 365 -13.56 -11.53 4.47
N GLN A 366 -12.67 -11.46 5.47
CA GLN A 366 -12.57 -12.55 6.43
C GLN A 366 -13.39 -12.28 7.68
N TYR A 367 -13.32 -11.07 8.21
CA TYR A 367 -13.92 -10.76 9.50
C TYR A 367 -15.16 -9.88 9.40
N GLY A 368 -15.22 -8.97 8.43
CA GLY A 368 -16.41 -8.18 8.19
C GLY A 368 -16.34 -6.73 8.63
N GLN A 369 -15.15 -6.14 8.75
CA GLN A 369 -15.07 -4.74 9.19
C GLN A 369 -14.96 -3.83 7.98
N PRO A 370 -15.75 -2.76 7.90
CA PRO A 370 -15.91 -2.04 6.62
C PRO A 370 -14.89 -0.93 6.38
N SER A 371 -13.61 -1.24 6.46
CA SER A 371 -12.50 -0.38 6.04
C SER A 371 -12.51 0.99 6.70
N SER A 372 -13.22 1.14 7.81
CA SER A 372 -13.18 2.40 8.55
C SER A 372 -12.91 2.11 10.02
N LYS A 373 -13.44 1.01 10.51
CA LYS A 373 -13.11 0.52 11.84
C LYS A 373 -11.68 -0.01 11.83
N ALA A 374 -11.33 -0.73 10.76
CA ALA A 374 -10.00 -1.31 10.66
C ALA A 374 -8.95 -0.38 10.06
N ASN A 375 -9.36 0.79 9.60
CA ASN A 375 -8.40 1.67 8.93
C ASN A 375 -7.89 2.93 9.61
N ILE A 376 -8.77 3.91 9.79
CA ILE A 376 -8.40 5.14 10.51
C ILE A 376 -7.75 4.95 11.87
N LEU A 377 -8.47 4.38 12.83
CA LEU A 377 -7.94 4.29 14.18
C LEU A 377 -6.62 3.53 14.23
N LEU A 378 -6.54 2.44 13.48
CA LEU A 378 -5.35 1.60 13.53
C LEU A 378 -4.02 2.30 13.32
N GLY A 379 -3.91 3.09 12.25
CA GLY A 379 -2.64 3.71 11.91
C GLY A 379 -2.14 4.66 12.98
N VAL A 380 -3.07 5.36 13.65
CA VAL A 380 -2.71 6.31 14.70
C VAL A 380 -1.88 5.63 15.78
N ILE A 381 -2.08 4.34 15.99
CA ILE A 381 -1.29 3.65 17.00
C ILE A 381 -0.27 2.72 16.34
N THR A 382 -0.34 2.55 15.01
CA THR A 382 0.59 1.65 14.35
C THR A 382 1.90 2.36 13.99
N ILE A 383 1.86 3.68 13.79
CA ILE A 383 3.09 4.36 13.38
C ILE A 383 4.10 4.57 14.53
N PRO A 384 3.69 4.90 15.77
CA PRO A 384 4.73 5.13 16.78
C PRO A 384 5.46 3.86 17.18
N ILE A 385 4.80 2.71 17.06
CA ILE A 385 5.46 1.43 17.33
C ILE A 385 6.58 1.19 16.32
N PHE A 386 6.31 1.49 15.04
CA PHE A 386 7.34 1.37 14.02
C PHE A 386 8.51 2.31 14.31
N ALA A 387 8.22 3.57 14.64
CA ALA A 387 9.31 4.51 14.92
C ALA A 387 10.16 4.06 16.11
N SER A 388 9.50 3.64 17.20
CA SER A 388 10.24 3.22 18.38
C SER A 388 11.06 1.96 18.10
N GLY A 389 10.49 1.02 17.35
CA GLY A 389 11.24 -0.18 17.00
C GLY A 389 12.49 0.15 16.20
N MET A 390 12.37 1.06 15.23
CA MET A 390 13.53 1.43 14.42
C MET A 390 14.62 2.07 15.28
N PHE A 391 14.25 3.05 16.10
CA PHE A 391 15.25 3.71 16.95
C PHE A 391 15.92 2.72 17.89
N LEU A 392 15.13 1.86 18.54
CA LEU A 392 15.71 0.90 19.48
C LEU A 392 16.60 -0.11 18.78
N GLY A 393 16.24 -0.51 17.56
CA GLY A 393 17.09 -1.41 16.80
C GLY A 393 18.45 -0.81 16.52
N GLY A 394 18.49 0.47 16.16
CA GLY A 394 19.79 1.12 16.01
C GLY A 394 20.55 1.23 17.32
N TYR A 395 19.85 1.61 18.38
CA TYR A 395 20.50 1.83 19.67
C TYR A 395 21.10 0.56 20.23
N ILE A 396 20.48 -0.59 19.99
CA ILE A 396 21.01 -1.85 20.51
C ILE A 396 22.34 -2.18 19.83
N ILE A 397 22.39 -2.11 18.50
CA ILE A 397 23.63 -2.35 17.77
C ILE A 397 24.72 -1.41 18.26
N LYS A 398 24.36 -0.15 18.53
CA LYS A 398 25.39 0.78 19.02
C LYS A 398 25.88 0.39 20.40
N LYS A 399 24.96 0.14 21.34
CA LYS A 399 25.31 -0.06 22.74
C LYS A 399 26.08 -1.35 22.96
N PHE A 400 25.79 -2.39 22.18
CA PHE A 400 26.38 -3.70 22.47
C PHE A 400 27.67 -3.98 21.71
N LYS A 401 28.10 -3.07 20.82
CA LYS A 401 29.36 -3.21 20.09
C LYS A 401 29.50 -4.43 19.19
N LEU A 402 28.51 -4.61 18.33
CA LEU A 402 28.43 -5.82 17.51
C LEU A 402 29.27 -5.67 16.25
N ASN A 403 29.93 -6.76 15.86
CA ASN A 403 30.66 -6.85 14.61
C ASN A 403 29.74 -7.40 13.52
N THR A 404 30.33 -7.77 12.38
CA THR A 404 29.53 -8.20 11.23
C THR A 404 28.69 -9.43 11.56
N VAL A 405 29.32 -10.46 12.12
CA VAL A 405 28.59 -11.69 12.44
C VAL A 405 27.57 -11.42 13.54
N GLY A 406 27.87 -10.51 14.46
CA GLY A 406 26.90 -10.16 15.48
C GLY A 406 25.66 -9.52 14.91
N ILE A 407 25.83 -8.58 13.97
CA ILE A 407 24.69 -7.95 13.31
C ILE A 407 23.89 -8.99 12.53
N ALA A 408 24.59 -9.88 11.81
CA ALA A 408 23.89 -10.91 11.05
C ALA A 408 23.04 -11.78 11.96
N LYS A 409 23.60 -12.21 13.09
CA LYS A 409 22.85 -13.08 14.00
C LYS A 409 21.68 -12.33 14.64
N PHE A 410 21.88 -11.05 14.97
CA PHE A 410 20.80 -10.26 15.53
C PHE A 410 19.62 -10.16 14.57
N SER A 411 19.90 -9.85 13.29
CA SER A 411 18.81 -9.70 12.33
C SER A 411 18.17 -11.05 11.99
N CYS A 412 18.95 -12.13 12.00
CA CYS A 412 18.36 -13.46 11.81
C CYS A 412 17.44 -13.82 12.97
N PHE A 413 17.83 -13.45 14.20
CA PHE A 413 16.96 -13.71 15.35
C PHE A 413 15.67 -12.92 15.25
N THR A 414 15.75 -11.66 14.83
CA THR A 414 14.52 -10.89 14.66
C THR A 414 13.63 -11.47 13.57
N ALA A 415 14.24 -11.96 12.48
CA ALA A 415 13.45 -12.58 11.41
C ALA A 415 12.75 -13.84 11.91
N VAL A 416 13.45 -14.69 12.66
CA VAL A 416 12.82 -15.88 13.22
C VAL A 416 11.68 -15.52 14.17
N MET A 417 11.92 -14.60 15.10
CA MET A 417 10.89 -14.21 16.06
C MET A 417 9.70 -13.51 15.42
N SER A 418 9.88 -12.91 14.24
CA SER A 418 8.74 -12.32 13.54
C SER A 418 8.02 -13.32 12.65
N LEU A 419 8.70 -14.37 12.18
CA LEU A 419 8.04 -15.45 11.46
C LEU A 419 7.28 -16.39 12.38
N SER A 420 7.67 -16.50 13.65
CA SER A 420 6.93 -17.36 14.56
C SER A 420 5.57 -16.76 14.94
N PHE A 421 5.43 -15.43 14.84
CA PHE A 421 4.15 -14.80 15.09
C PHE A 421 3.24 -14.82 13.87
N TYR A 422 3.81 -15.03 12.67
CA TYR A 422 3.01 -15.01 11.46
C TYR A 422 2.19 -16.28 11.32
N LEU A 423 2.68 -17.40 11.85
CA LEU A 423 1.98 -18.67 11.70
C LEU A 423 0.82 -18.82 12.67
N LEU A 424 0.51 -17.79 13.45
CA LEU A 424 -0.67 -17.85 14.32
C LEU A 424 -1.93 -17.44 13.60
N TYR A 425 -1.80 -16.82 12.42
CA TYR A 425 -2.97 -16.44 11.65
C TYR A 425 -3.77 -17.65 11.21
N PHE A 426 -3.09 -18.78 10.97
CA PHE A 426 -3.77 -19.97 10.48
C PHE A 426 -4.75 -20.54 11.51
N PHE A 427 -4.76 -20.01 12.73
CA PHE A 427 -5.51 -20.62 13.82
C PHE A 427 -6.66 -19.77 14.32
N ILE A 428 -6.90 -18.59 13.74
CA ILE A 428 -7.98 -17.71 14.19
C ILE A 428 -8.98 -17.40 13.08
N LEU A 429 -9.22 -18.33 12.17
CA LEU A 429 -10.10 -18.07 11.04
C LEU A 429 -11.55 -18.32 11.41
N CYS A 430 -12.46 -17.72 10.63
CA CYS A 430 -13.90 -17.86 10.82
C CYS A 430 -14.48 -18.82 9.79
N GLU A 431 -15.82 -18.94 9.78
CA GLU A 431 -16.50 -19.76 8.80
C GLU A 431 -16.87 -18.92 7.58
N ASN A 432 -17.32 -19.58 6.51
CA ASN A 432 -17.62 -18.85 5.28
C ASN A 432 -19.02 -18.26 5.24
N LYS A 433 -19.16 -17.07 4.68
CA LYS A 433 -20.46 -16.43 4.60
C LYS A 433 -21.42 -17.25 3.74
N SER A 434 -22.71 -17.15 4.04
CA SER A 434 -23.70 -17.90 3.28
C SER A 434 -24.58 -16.97 2.45
N VAL A 435 -24.40 -16.99 1.14
CA VAL A 435 -25.23 -16.18 0.26
C VAL A 435 -26.08 -17.07 -0.63
N ALA A 436 -27.37 -17.15 -0.34
CA ALA A 436 -28.27 -17.99 -1.12
C ALA A 436 -28.18 -17.63 -2.59
N GLY A 437 -28.01 -18.65 -3.43
CA GLY A 437 -27.85 -18.46 -4.85
C GLY A 437 -26.43 -18.63 -5.37
N LEU A 438 -25.46 -18.14 -4.60
CA LEU A 438 -24.06 -18.27 -5.00
C LEU A 438 -23.58 -19.70 -4.85
N THR A 439 -23.52 -20.20 -3.62
CA THR A 439 -23.05 -21.57 -3.39
C THR A 439 -24.18 -22.50 -2.98
N MET A 440 -25.26 -21.94 -2.45
CA MET A 440 -26.41 -22.76 -2.05
C MET A 440 -27.61 -22.47 -2.93
N THR A 441 -28.61 -23.33 -2.88
CA THR A 441 -29.77 -23.16 -3.76
C THR A 441 -30.52 -21.89 -3.41
N TYR A 442 -31.21 -21.31 -4.37
CA TYR A 442 -31.93 -20.05 -4.14
C TYR A 442 -33.04 -20.17 -3.10
N ASP A 443 -33.43 -21.39 -2.74
CA ASP A 443 -34.42 -21.57 -1.69
C ASP A 443 -33.83 -22.09 -0.39
N GLY A 444 -32.50 -22.07 -0.27
CA GLY A 444 -31.85 -22.52 0.95
C GLY A 444 -31.95 -24.00 1.20
N ASN A 445 -32.68 -24.71 0.36
CA ASN A 445 -32.89 -26.14 0.58
C ASN A 445 -31.65 -27.02 0.51
N ASN A 446 -30.77 -26.79 -0.45
CA ASN A 446 -29.62 -27.68 -0.62
C ASN A 446 -28.32 -27.00 -1.04
N PRO A 447 -27.17 -27.59 -0.69
CA PRO A 447 -25.87 -27.04 -1.13
C PRO A 447 -25.53 -27.36 -2.59
N VAL A 448 -24.61 -26.60 -3.20
CA VAL A 448 -24.19 -26.86 -4.58
C VAL A 448 -22.67 -27.05 -4.69
N THR A 449 -22.17 -27.47 -5.86
CA THR A 449 -20.75 -27.73 -6.02
C THR A 449 -20.08 -26.72 -6.94
N SER A 450 -20.85 -25.99 -7.75
CA SER A 450 -20.30 -25.04 -8.70
C SER A 450 -20.90 -23.67 -8.44
N HIS A 451 -20.03 -22.66 -8.31
CA HIS A 451 -20.47 -21.28 -8.16
C HIS A 451 -21.15 -20.74 -9.42
N ARG A 452 -21.03 -21.43 -10.54
CA ARG A 452 -21.53 -20.92 -11.80
C ARG A 452 -22.73 -21.74 -12.27
N ASP A 453 -23.70 -21.07 -12.90
CA ASP A 453 -24.83 -21.72 -13.59
C ASP A 453 -25.77 -22.42 -12.61
N VAL A 454 -26.04 -21.76 -11.48
CA VAL A 454 -27.06 -22.23 -10.56
C VAL A 454 -28.41 -21.93 -11.19
N PRO A 455 -29.39 -22.85 -11.11
CA PRO A 455 -30.67 -22.61 -11.76
C PRO A 455 -31.60 -21.78 -10.89
N LEU A 456 -32.54 -21.11 -11.53
CA LEU A 456 -33.54 -20.33 -10.80
C LEU A 456 -34.46 -21.24 -10.01
N SER A 457 -35.11 -20.67 -9.00
CA SER A 457 -35.97 -21.44 -8.10
C SER A 457 -37.44 -21.03 -8.28
N TYR A 458 -38.32 -21.84 -7.71
CA TYR A 458 -39.76 -21.63 -7.84
C TYR A 458 -40.18 -20.28 -7.26
N CYS A 459 -39.67 -19.96 -6.07
CA CYS A 459 -40.00 -18.69 -5.44
C CYS A 459 -39.58 -17.48 -6.29
N ASN A 460 -38.58 -17.65 -7.16
CA ASN A 460 -38.07 -16.57 -7.98
C ASN A 460 -38.32 -16.75 -9.47
N SER A 461 -39.21 -17.67 -9.85
CA SER A 461 -39.41 -17.97 -11.27
C SER A 461 -40.03 -16.78 -12.01
N ASP A 462 -41.09 -16.21 -11.46
CA ASP A 462 -41.82 -15.16 -12.17
C ASP A 462 -41.02 -13.87 -12.27
N CYS A 463 -40.38 -13.46 -11.18
CA CYS A 463 -39.67 -12.18 -11.16
C CYS A 463 -38.40 -12.28 -12.01
N ASN A 464 -38.49 -11.80 -13.24
CA ASN A 464 -37.36 -11.84 -14.18
C ASN A 464 -36.55 -10.55 -14.04
N CYS A 465 -35.39 -10.65 -13.41
CA CYS A 465 -34.53 -9.48 -13.27
C CYS A 465 -33.09 -9.81 -13.62
N ASP A 466 -32.24 -8.79 -13.70
CA ASP A 466 -30.85 -9.00 -14.08
C ASP A 466 -30.07 -9.70 -13.00
N GLU A 467 -29.58 -10.90 -13.29
CA GLU A 467 -28.76 -11.63 -12.33
C GLU A 467 -27.49 -10.83 -12.08
N SER A 468 -26.99 -10.20 -13.13
CA SER A 468 -25.75 -9.44 -13.01
C SER A 468 -25.82 -8.39 -11.91
N GLN A 469 -26.99 -8.17 -11.34
CA GLN A 469 -27.11 -7.12 -10.34
C GLN A 469 -26.67 -7.63 -8.97
N TRP A 470 -25.89 -6.80 -8.27
CA TRP A 470 -25.36 -7.14 -6.96
C TRP A 470 -25.73 -6.01 -5.98
N GLU A 471 -26.82 -6.23 -5.24
CA GLU A 471 -27.26 -5.24 -4.25
C GLU A 471 -27.44 -5.93 -2.90
N PRO A 472 -26.76 -5.43 -1.87
CA PRO A 472 -26.81 -6.09 -0.55
C PRO A 472 -28.23 -6.37 -0.06
N VAL A 473 -28.52 -7.62 0.29
CA VAL A 473 -29.86 -7.99 0.77
C VAL A 473 -29.81 -9.06 1.86
N CYS A 474 -30.32 -8.73 3.05
CA CYS A 474 -30.32 -9.70 4.15
C CYS A 474 -31.60 -9.75 4.97
N GLY A 475 -32.22 -10.92 5.05
CA GLY A 475 -33.45 -11.06 5.81
C GLY A 475 -33.21 -11.57 7.21
N ASN A 476 -34.25 -11.58 8.05
CA ASN A 476 -34.05 -11.98 9.43
C ASN A 476 -33.72 -13.46 9.58
N ASN A 477 -33.75 -14.22 8.49
CA ASN A 477 -33.40 -15.64 8.55
C ASN A 477 -31.90 -15.87 8.73
N GLY A 478 -31.06 -14.88 8.42
CA GLY A 478 -29.63 -15.00 8.60
C GLY A 478 -28.84 -15.21 7.34
N ILE A 479 -29.49 -15.58 6.24
CA ILE A 479 -28.79 -15.84 4.98
C ILE A 479 -28.71 -14.57 4.15
N THR A 480 -28.19 -14.69 2.94
CA THR A 480 -27.93 -13.51 2.11
C THR A 480 -28.52 -13.64 0.71
N TYR A 481 -29.13 -12.57 0.21
CA TYR A 481 -29.71 -12.60 -1.13
C TYR A 481 -28.97 -11.60 -2.02
N ILE A 482 -28.75 -11.97 -3.28
CA ILE A 482 -28.01 -11.11 -4.19
C ILE A 482 -28.74 -9.81 -4.53
N SER A 483 -30.07 -9.85 -4.62
CA SER A 483 -30.84 -8.66 -4.99
C SER A 483 -32.23 -8.64 -4.38
N PRO A 484 -32.81 -7.43 -4.21
CA PRO A 484 -34.19 -7.43 -3.70
C PRO A 484 -35.19 -8.13 -4.61
N CYS A 485 -34.87 -8.26 -5.90
CA CYS A 485 -35.75 -9.00 -6.81
C CYS A 485 -35.46 -10.49 -6.76
N LEU A 486 -34.19 -10.86 -6.58
CA LEU A 486 -33.86 -12.28 -6.48
C LEU A 486 -34.36 -12.90 -5.18
N ALA A 487 -34.71 -12.08 -4.19
CA ALA A 487 -35.30 -12.55 -2.95
C ALA A 487 -36.82 -12.51 -2.96
N GLY A 488 -37.43 -11.82 -3.92
CA GLY A 488 -38.87 -11.85 -4.04
C GLY A 488 -39.61 -10.78 -3.29
N CYS A 489 -38.91 -9.78 -2.76
CA CYS A 489 -39.55 -8.75 -1.96
C CYS A 489 -40.29 -7.78 -2.86
N LYS A 490 -41.61 -7.68 -2.68
CA LYS A 490 -42.42 -6.81 -3.55
C LYS A 490 -42.98 -5.60 -2.82
N SER A 491 -42.21 -5.05 -1.89
CA SER A 491 -42.64 -3.85 -1.18
C SER A 491 -41.42 -2.99 -0.87
N SER A 492 -41.68 -1.75 -0.47
CA SER A 492 -40.63 -0.79 -0.12
C SER A 492 -41.09 0.06 1.06
N SER A 493 -40.22 0.98 1.49
CA SER A 493 -40.51 1.85 2.61
C SER A 493 -40.08 3.30 2.37
N GLY A 494 -39.80 3.67 1.12
CA GLY A 494 -39.41 5.05 0.86
C GLY A 494 -37.92 5.29 1.02
N ASN A 495 -37.52 6.53 0.71
CA ASN A 495 -36.10 6.89 0.72
C ASN A 495 -35.59 7.18 2.12
N LYS A 496 -36.35 6.78 3.14
CA LYS A 496 -35.93 6.95 4.53
C LYS A 496 -34.73 6.05 4.84
N LYS A 497 -34.36 6.01 6.12
CA LYS A 497 -33.34 5.07 6.60
C LYS A 497 -33.59 3.72 5.91
N PRO A 498 -32.54 2.93 5.68
CA PRO A 498 -32.61 1.90 4.62
C PRO A 498 -33.94 1.15 4.57
N ILE A 499 -34.56 1.23 3.38
CA ILE A 499 -35.93 0.82 3.16
C ILE A 499 -36.06 -0.68 3.36
N VAL A 500 -36.80 -1.08 4.40
CA VAL A 500 -37.04 -2.48 4.67
C VAL A 500 -38.06 -3.02 3.66
N PHE A 501 -37.59 -3.83 2.71
CA PHE A 501 -38.49 -4.51 1.81
C PHE A 501 -39.23 -5.61 2.57
N TYR A 502 -40.47 -5.88 2.15
CA TYR A 502 -41.38 -6.65 2.99
C TYR A 502 -42.26 -7.57 2.14
N ASN A 503 -42.78 -8.59 2.80
CA ASN A 503 -43.52 -9.69 2.16
C ASN A 503 -42.75 -10.38 1.03
N CYS A 504 -41.57 -10.89 1.36
CA CYS A 504 -40.67 -11.42 0.31
C CYS A 504 -40.99 -12.83 -0.15
N SER A 505 -40.74 -13.10 -1.42
CA SER A 505 -41.03 -14.42 -1.98
C SER A 505 -40.08 -15.51 -1.49
N CYS A 506 -38.79 -15.22 -1.51
CA CYS A 506 -37.80 -16.23 -1.13
C CYS A 506 -37.25 -15.99 0.28
N LEU A 507 -37.90 -15.11 1.03
CA LEU A 507 -37.48 -14.88 2.41
C LEU A 507 -38.35 -15.71 3.34
N GLU A 508 -39.46 -16.21 2.82
CA GLU A 508 -40.36 -17.02 3.65
C GLU A 508 -39.64 -18.23 4.21
N VAL A 509 -39.88 -18.53 5.48
CA VAL A 509 -39.24 -19.68 6.11
C VAL A 509 -40.18 -20.42 7.05
N THR A 510 -39.95 -21.72 7.21
CA THR A 510 -40.78 -22.52 8.10
C THR A 510 -40.65 -22.02 9.53
N GLY A 511 -41.77 -21.73 10.17
CA GLY A 511 -41.73 -21.20 11.52
C GLY A 511 -41.48 -19.71 11.52
N LEU A 512 -41.10 -19.17 10.37
CA LEU A 512 -40.86 -17.74 10.26
C LEU A 512 -42.08 -17.04 9.69
N GLN A 513 -43.07 -17.82 9.27
CA GLN A 513 -44.30 -17.24 8.74
C GLN A 513 -44.96 -16.39 9.81
N ASN A 514 -44.90 -16.86 11.06
CA ASN A 514 -45.45 -16.08 12.16
C ASN A 514 -44.45 -15.02 12.58
N ARG A 515 -44.09 -14.15 11.65
CA ARG A 515 -43.11 -13.11 11.94
C ARG A 515 -43.16 -12.02 10.87
N ASN A 516 -42.14 -11.19 10.83
CA ASN A 516 -42.10 -10.10 9.85
C ASN A 516 -41.08 -10.38 8.76
N TYR A 517 -41.53 -10.85 7.60
CA TYR A 517 -40.61 -11.07 6.49
C TYR A 517 -40.15 -9.73 5.96
N SER A 518 -39.03 -9.23 6.48
CA SER A 518 -38.55 -7.92 6.07
C SER A 518 -37.03 -7.94 6.11
N ALA A 519 -36.39 -7.61 4.99
CA ALA A 519 -34.93 -7.66 4.93
C ALA A 519 -34.31 -6.27 4.82
N HIS A 520 -33.41 -5.96 5.74
CA HIS A 520 -32.73 -4.66 5.70
C HIS A 520 -31.57 -4.71 4.72
N LEU A 521 -31.18 -3.55 4.21
CA LEU A 521 -30.05 -3.49 3.31
C LEU A 521 -28.79 -3.62 4.13
N GLY A 522 -27.76 -4.24 3.55
CA GLY A 522 -26.53 -4.45 4.29
C GLY A 522 -26.47 -5.88 4.78
N GLU A 523 -25.35 -6.55 4.54
CA GLU A 523 -25.21 -7.94 4.94
C GLU A 523 -25.33 -8.10 6.44
N CYS A 524 -26.05 -9.14 6.88
CA CYS A 524 -26.15 -9.40 8.31
C CYS A 524 -24.74 -9.65 8.80
N PRO A 525 -24.33 -8.96 9.87
CA PRO A 525 -22.95 -9.10 10.37
C PRO A 525 -22.64 -10.49 10.92
N ARG A 526 -21.37 -10.75 11.18
CA ARG A 526 -20.96 -12.04 11.72
C ARG A 526 -21.26 -12.15 13.20
N ASP A 527 -21.08 -13.33 13.75
CA ASP A 527 -21.32 -13.57 15.17
C ASP A 527 -20.29 -12.85 16.03
N ASP A 528 -20.43 -12.97 17.35
CA ASP A 528 -19.50 -12.29 18.27
C ASP A 528 -18.11 -12.91 18.22
N ALA A 529 -18.05 -14.24 18.02
CA ALA A 529 -16.78 -14.95 17.99
C ALA A 529 -15.84 -14.39 16.92
N CYS A 530 -16.39 -13.99 15.78
CA CYS A 530 -15.55 -13.47 14.72
C CYS A 530 -14.92 -12.13 15.12
N THR A 531 -15.65 -11.32 15.88
CA THR A 531 -15.08 -10.08 16.36
C THR A 531 -13.99 -10.40 17.35
N ARG A 532 -14.31 -11.26 18.32
CA ARG A 532 -13.32 -11.67 19.31
C ARG A 532 -12.03 -12.14 18.65
N LYS A 533 -12.15 -12.78 17.49
CA LYS A 533 -10.96 -13.23 16.76
C LYS A 533 -10.30 -12.08 16.02
N PHE A 534 -11.09 -11.10 15.56
CA PHE A 534 -10.52 -9.93 14.91
C PHE A 534 -9.62 -9.16 15.86
N TYR A 535 -9.98 -9.12 17.14
CA TYR A 535 -9.14 -8.42 18.11
C TYR A 535 -7.80 -9.14 18.29
N PHE A 536 -7.81 -10.47 18.35
CA PHE A 536 -6.57 -11.22 18.39
C PHE A 536 -5.74 -10.96 17.14
N PHE A 537 -6.40 -10.85 15.99
CA PHE A 537 -5.70 -10.51 14.75
C PHE A 537 -4.95 -9.19 14.89
N VAL A 538 -5.63 -8.16 15.39
CA VAL A 538 -5.00 -6.85 15.49
C VAL A 538 -3.82 -6.89 16.46
N ALA A 539 -3.98 -7.60 17.58
CA ALA A 539 -2.89 -7.70 18.55
C ALA A 539 -1.66 -8.36 17.93
N ILE A 540 -1.85 -9.55 17.34
CA ILE A 540 -0.75 -10.23 16.67
C ILE A 540 -0.12 -9.38 15.58
N GLN A 541 -0.93 -8.60 14.86
CA GLN A 541 -0.38 -7.77 13.79
C GLN A 541 0.55 -6.70 14.33
N VAL A 542 0.15 -6.02 15.41
CA VAL A 542 1.03 -4.98 15.96
C VAL A 542 2.29 -5.60 16.54
N LEU A 543 2.18 -6.79 17.14
CA LEU A 543 3.37 -7.46 17.66
C LEU A 543 4.35 -7.79 16.53
N ASN A 544 3.84 -8.37 15.44
CA ASN A 544 4.71 -8.74 14.33
C ASN A 544 5.34 -7.51 13.69
N LEU A 545 4.58 -6.41 13.59
CA LEU A 545 5.15 -5.19 13.03
C LEU A 545 6.27 -4.64 13.90
N PHE A 546 6.07 -4.62 15.23
CA PHE A 546 7.15 -4.19 16.11
C PHE A 546 8.39 -5.05 15.93
N PHE A 547 8.24 -6.38 15.97
CA PHE A 547 9.41 -7.23 15.88
C PHE A 547 10.05 -7.23 14.49
N SER A 548 9.34 -6.80 13.45
CA SER A 548 9.96 -6.66 12.14
C SER A 548 10.57 -5.30 11.90
N ALA A 549 10.19 -4.28 12.68
CA ALA A 549 10.84 -2.98 12.60
C ALA A 549 12.12 -2.91 13.43
N LEU A 550 12.30 -3.83 14.37
CA LEU A 550 13.49 -3.82 15.23
C LEU A 550 14.75 -4.15 14.47
N GLY A 551 14.65 -4.76 13.28
CA GLY A 551 15.82 -5.15 12.52
C GLY A 551 15.97 -4.53 11.15
N GLY A 552 15.40 -3.34 10.95
CA GLY A 552 15.38 -2.73 9.64
C GLY A 552 16.62 -1.93 9.32
N THR A 553 17.46 -1.66 10.30
CA THR A 553 18.70 -0.92 10.13
C THR A 553 19.85 -1.80 9.62
N SER A 554 19.74 -3.12 9.78
CA SER A 554 20.85 -4.03 9.56
C SER A 554 21.23 -4.18 8.09
N HIS A 555 20.31 -3.98 7.16
CA HIS A 555 20.63 -4.15 5.74
C HIS A 555 21.73 -3.18 5.31
N VAL A 556 21.55 -1.89 5.60
CA VAL A 556 22.54 -0.89 5.23
C VAL A 556 23.83 -1.11 6.01
N MET A 557 23.72 -1.49 7.28
CA MET A 557 24.91 -1.65 8.11
C MET A 557 25.69 -2.90 7.72
N LEU A 558 25.09 -3.79 6.93
CA LEU A 558 25.80 -4.97 6.49
C LEU A 558 26.35 -4.81 5.08
N ILE A 559 25.59 -4.18 4.18
CA ILE A 559 26.07 -3.94 2.82
C ILE A 559 27.33 -3.10 2.84
N VAL A 560 27.41 -2.16 3.78
CA VAL A 560 28.58 -1.30 3.90
C VAL A 560 29.79 -2.08 4.41
N LYS A 561 29.54 -3.12 5.21
CA LYS A 561 30.64 -3.83 5.87
C LYS A 561 31.18 -4.98 5.04
N ILE A 562 30.39 -5.53 4.12
CA ILE A 562 30.85 -6.68 3.34
C ILE A 562 31.41 -6.28 1.98
N VAL A 563 31.80 -5.02 1.79
CA VAL A 563 32.24 -4.50 0.51
C VAL A 563 33.43 -3.55 0.74
N GLN A 564 34.33 -3.51 -0.25
CA GLN A 564 35.51 -2.62 -0.26
C GLN A 564 35.14 -1.21 0.17
N PRO A 565 36.02 -0.49 0.87
CA PRO A 565 35.63 0.78 1.46
C PRO A 565 35.43 1.90 0.46
N GLU A 566 35.49 1.58 -0.83
CA GLU A 566 35.38 2.60 -1.87
C GLU A 566 34.23 2.34 -2.83
N LEU A 567 33.59 1.18 -2.70
CA LEU A 567 32.49 0.84 -3.58
C LEU A 567 31.22 0.83 -2.76
N LYS A 568 31.15 1.68 -1.76
CA LYS A 568 29.98 1.73 -0.88
C LYS A 568 28.73 2.32 -1.53
N SER A 569 28.88 3.32 -2.38
CA SER A 569 27.73 3.96 -3.01
C SER A 569 27.18 3.10 -4.13
N LEU A 570 28.06 2.54 -4.95
CA LEU A 570 27.64 1.67 -6.04
C LEU A 570 26.85 0.48 -5.52
N ALA A 571 27.27 -0.10 -4.40
CA ALA A 571 26.58 -1.24 -3.83
C ALA A 571 25.18 -0.87 -3.36
N LEU A 572 25.07 0.25 -2.62
CA LEU A 572 23.77 0.71 -2.16
C LEU A 572 22.86 1.06 -3.33
N GLY A 573 23.42 1.65 -4.39
CA GLY A 573 22.63 2.01 -5.54
C GLY A 573 22.09 0.80 -6.28
N PHE A 574 22.94 -0.20 -6.51
CA PHE A 574 22.48 -1.42 -7.17
C PHE A 574 21.45 -2.16 -6.32
N HIS A 575 21.66 -2.20 -5.00
CA HIS A 575 20.67 -2.81 -4.11
C HIS A 575 19.32 -2.11 -4.21
N SER A 576 19.31 -0.79 -4.10
CA SER A 576 18.07 -0.03 -4.21
C SER A 576 17.40 -0.27 -5.55
N MET A 577 18.17 -0.26 -6.63
CA MET A 577 17.62 -0.49 -7.96
C MET A 577 16.93 -1.84 -8.05
N VAL A 578 17.65 -2.91 -7.67
CA VAL A 578 17.10 -4.25 -7.80
C VAL A 578 15.84 -4.40 -6.94
N ILE A 579 15.86 -3.84 -5.73
CA ILE A 579 14.70 -4.01 -4.85
C ILE A 579 13.50 -3.24 -5.38
N ARG A 580 13.70 -1.97 -5.75
CA ARG A 580 12.58 -1.17 -6.22
C ARG A 580 12.06 -1.65 -7.57
N ALA A 581 12.88 -2.40 -8.30
CA ALA A 581 12.41 -2.94 -9.58
C ALA A 581 11.66 -4.25 -9.39
N LEU A 582 12.31 -5.26 -8.81
CA LEU A 582 11.76 -6.61 -8.77
C LEU A 582 10.88 -6.87 -7.55
N GLY A 583 10.77 -5.92 -6.62
CA GLY A 583 10.00 -6.17 -5.42
C GLY A 583 9.02 -5.07 -5.08
N GLY A 584 8.90 -4.08 -5.95
CA GLY A 584 7.96 -3.00 -5.73
C GLY A 584 6.97 -2.86 -6.87
N ILE A 585 7.36 -3.36 -8.03
CA ILE A 585 6.50 -3.29 -9.21
C ILE A 585 5.92 -4.63 -9.62
N LEU A 586 6.73 -5.68 -9.51
CA LEU A 586 6.27 -7.05 -9.69
C LEU A 586 5.48 -7.64 -8.55
N ALA A 587 5.86 -7.35 -7.31
CA ALA A 587 5.20 -7.91 -6.14
C ALA A 587 3.69 -7.80 -6.13
N PRO A 588 3.15 -6.58 -6.28
CA PRO A 588 1.70 -6.47 -6.30
C PRO A 588 1.06 -7.16 -7.49
N ILE A 589 1.71 -7.19 -8.63
CA ILE A 589 1.12 -7.84 -9.80
C ILE A 589 0.89 -9.33 -9.65
N TYR A 590 1.88 -10.08 -9.18
CA TYR A 590 1.67 -11.52 -8.98
C TYR A 590 0.75 -11.95 -7.83
N PHE A 591 0.79 -11.21 -6.72
CA PHE A 591 -0.10 -11.50 -5.60
C PHE A 591 -1.53 -11.31 -6.05
N GLY A 592 -1.79 -10.23 -6.76
CA GLY A 592 -3.10 -9.94 -7.27
C GLY A 592 -3.58 -10.96 -8.27
N ALA A 593 -2.70 -11.40 -9.14
CA ALA A 593 -3.06 -12.39 -10.13
C ALA A 593 -3.42 -13.70 -9.47
N LEU A 594 -2.66 -14.08 -8.46
CA LEU A 594 -2.91 -15.30 -7.70
C LEU A 594 -4.19 -15.28 -6.88
N ILE A 595 -4.47 -14.16 -6.24
CA ILE A 595 -5.66 -13.99 -5.42
C ILE A 595 -6.97 -14.08 -6.17
N ASP A 596 -7.01 -13.51 -7.37
CA ASP A 596 -8.22 -13.52 -8.17
C ASP A 596 -8.68 -14.90 -8.54
N THR A 597 -7.91 -15.91 -8.19
CA THR A 597 -8.38 -17.27 -8.50
C THR A 597 -9.49 -17.72 -7.58
N THR A 598 -9.88 -16.89 -6.61
CA THR A 598 -10.83 -17.27 -5.59
C THR A 598 -12.14 -16.49 -5.65
N CYS A 599 -12.44 -15.86 -6.78
CA CYS A 599 -13.68 -15.10 -6.91
C CYS A 599 -14.84 -16.04 -7.21
N ILE A 600 -16.06 -15.59 -6.91
CA ILE A 600 -17.25 -16.37 -7.22
C ILE A 600 -18.30 -15.51 -7.91
N LYS A 601 -18.07 -14.19 -7.97
CA LYS A 601 -18.98 -13.30 -8.68
C LYS A 601 -18.20 -12.12 -9.22
N TRP A 602 -18.36 -11.84 -10.51
CA TRP A 602 -17.67 -10.75 -11.18
C TRP A 602 -18.65 -9.64 -11.54
N SER A 603 -18.16 -8.41 -11.54
CA SER A 603 -18.92 -7.24 -11.97
C SER A 603 -18.66 -7.01 -13.45
N THR A 604 -19.55 -7.52 -14.29
CA THR A 604 -19.37 -7.51 -15.75
C THR A 604 -19.55 -6.08 -16.25
N ASN A 605 -18.42 -5.43 -16.52
CA ASN A 605 -18.40 -4.05 -17.02
C ASN A 605 -18.96 -4.05 -18.44
N ASN A 606 -19.20 -2.85 -18.99
CA ASN A 606 -19.76 -2.66 -20.33
C ASN A 606 -18.94 -3.49 -21.32
N CYS A 607 -17.63 -3.25 -21.44
CA CYS A 607 -16.83 -4.04 -22.38
C CYS A 607 -16.18 -5.23 -21.68
N GLY A 608 -15.38 -4.97 -20.64
CA GLY A 608 -14.69 -6.04 -19.94
C GLY A 608 -15.62 -6.88 -19.08
N THR A 609 -15.58 -8.20 -19.28
CA THR A 609 -16.44 -9.09 -18.52
C THR A 609 -16.10 -9.04 -17.04
N ARG A 610 -14.89 -8.61 -16.71
CA ARG A 610 -14.47 -8.56 -15.31
C ARG A 610 -14.16 -7.10 -15.12
N GLY A 611 -15.07 -6.36 -14.49
CA GLY A 611 -14.78 -5.01 -14.03
C GLY A 611 -14.21 -5.09 -12.64
N SER A 612 -14.77 -5.98 -11.82
CA SER A 612 -14.28 -6.14 -10.45
C SER A 612 -14.98 -7.33 -9.82
N CYS A 613 -14.56 -7.68 -8.61
CA CYS A 613 -15.11 -8.81 -7.89
C CYS A 613 -16.07 -8.33 -6.80
N ARG A 614 -17.14 -9.10 -6.58
CA ARG A 614 -18.06 -8.76 -5.52
C ARG A 614 -17.64 -9.47 -4.24
N THR A 615 -17.44 -10.79 -4.33
CA THR A 615 -17.08 -11.57 -3.15
C THR A 615 -15.98 -12.57 -3.45
N TYR A 616 -15.37 -13.11 -2.40
CA TYR A 616 -14.29 -14.08 -2.58
C TYR A 616 -14.40 -15.19 -1.56
N ASN A 617 -14.26 -16.43 -2.00
CA ASN A 617 -14.26 -17.54 -1.06
C ASN A 617 -13.19 -17.30 -0.01
N SER A 618 -13.61 -17.17 1.25
CA SER A 618 -12.71 -16.68 2.29
C SER A 618 -11.64 -17.70 2.64
N THR A 619 -12.01 -18.99 2.62
CA THR A 619 -11.06 -20.04 3.02
C THR A 619 -9.89 -20.09 2.04
N SER A 620 -10.18 -20.12 0.74
CA SER A 620 -9.12 -20.19 -0.26
C SER A 620 -8.32 -18.88 -0.32
N PHE A 621 -9.00 -17.78 -0.02
CA PHE A 621 -8.31 -16.49 0.03
C PHE A 621 -7.22 -16.58 1.09
N SER A 622 -7.62 -16.92 2.32
CA SER A 622 -6.66 -17.02 3.41
C SER A 622 -5.57 -18.02 3.10
N ARG A 623 -5.94 -19.17 2.55
CA ARG A 623 -4.96 -20.19 2.15
C ARG A 623 -3.87 -19.59 1.27
N VAL A 624 -4.26 -19.04 0.12
CA VAL A 624 -3.27 -18.57 -0.85
C VAL A 624 -2.43 -17.43 -0.26
N TYR A 625 -3.10 -16.47 0.39
CA TYR A 625 -2.41 -15.27 0.89
C TYR A 625 -1.36 -15.64 1.93
N LEU A 626 -1.76 -16.37 2.98
CA LEU A 626 -0.83 -16.70 4.04
C LEU A 626 0.20 -17.71 3.59
N GLY A 627 -0.14 -18.62 2.68
CA GLY A 627 0.83 -19.57 2.19
C GLY A 627 1.95 -18.90 1.40
N LEU A 628 1.60 -17.96 0.53
CA LEU A 628 2.64 -17.26 -0.22
C LEU A 628 3.57 -16.49 0.72
N SER A 629 2.99 -15.73 1.66
CA SER A 629 3.85 -14.98 2.57
C SER A 629 4.78 -15.91 3.37
N SER A 630 4.23 -17.01 3.92
CA SER A 630 5.03 -17.90 4.73
C SER A 630 6.14 -18.56 3.93
N MET A 631 5.86 -18.94 2.68
CA MET A 631 6.89 -19.59 1.88
C MET A 631 8.03 -18.63 1.55
N LEU A 632 7.70 -17.37 1.22
CA LEU A 632 8.77 -16.41 0.98
C LEU A 632 9.65 -16.22 2.21
N ARG A 633 9.00 -16.07 3.37
CA ARG A 633 9.75 -15.86 4.61
C ARG A 633 10.76 -16.98 4.81
N VAL A 634 10.32 -18.23 4.67
CA VAL A 634 11.22 -19.35 4.83
C VAL A 634 12.34 -19.27 3.80
N SER A 635 11.99 -18.83 2.60
CA SER A 635 12.99 -18.72 1.54
C SER A 635 14.11 -17.78 1.96
N SER A 636 13.76 -16.57 2.36
CA SER A 636 14.75 -15.58 2.75
C SER A 636 15.50 -16.03 3.99
N LEU A 637 14.78 -16.61 4.95
CA LEU A 637 15.42 -17.05 6.19
C LEU A 637 16.49 -18.07 5.91
N VAL A 638 16.19 -19.02 5.04
CA VAL A 638 17.16 -20.07 4.73
C VAL A 638 18.45 -19.49 4.18
N LEU A 639 18.33 -18.59 3.21
CA LEU A 639 19.51 -18.00 2.60
C LEU A 639 20.37 -17.32 3.65
N TYR A 640 19.72 -16.61 4.57
CA TYR A 640 20.47 -15.89 5.59
C TYR A 640 21.24 -16.83 6.50
N ILE A 641 20.60 -17.91 6.94
CA ILE A 641 21.28 -18.84 7.83
C ILE A 641 22.53 -19.38 7.17
N ILE A 642 22.41 -19.84 5.93
CA ILE A 642 23.60 -20.31 5.22
C ILE A 642 24.61 -19.19 5.17
N LEU A 643 24.16 -18.00 4.78
CA LEU A 643 25.06 -16.84 4.74
C LEU A 643 25.81 -16.68 6.05
N ILE A 644 25.14 -16.89 7.19
CA ILE A 644 25.83 -16.78 8.47
C ILE A 644 26.91 -17.84 8.58
N TYR A 645 26.64 -19.06 8.12
CA TYR A 645 27.66 -20.09 8.13
C TYR A 645 28.89 -19.67 7.32
N ALA A 646 28.66 -19.15 6.12
CA ALA A 646 29.78 -18.70 5.27
C ALA A 646 30.58 -17.59 5.95
N MET A 647 29.87 -16.60 6.51
CA MET A 647 30.55 -15.51 7.22
C MET A 647 31.41 -16.03 8.35
N LYS A 648 30.87 -16.91 9.18
CA LYS A 648 31.65 -17.41 10.32
C LYS A 648 32.82 -18.26 9.87
N LYS A 649 32.71 -18.87 8.68
CA LYS A 649 33.84 -19.62 8.15
C LYS A 649 34.90 -18.69 7.59
N LYS A 650 34.50 -17.50 7.14
CA LYS A 650 35.46 -16.59 6.51
C LYS A 650 36.38 -15.93 7.53
N TYR A 651 35.81 -15.15 8.45
CA TYR A 651 36.61 -14.45 9.45
C TYR A 651 37.00 -15.38 10.61
#